data_6H73
#
_entry.id   6H73
#
_cell.length_a   115.190
_cell.length_b   115.190
_cell.length_c   233.060
_cell.angle_alpha   90.00
_cell.angle_beta   90.00
_cell.angle_gamma   120.00
#
_symmetry.space_group_name_H-M   'P 63 2 2'
#
loop_
_entity.id
_entity.type
_entity.pdbx_description
1 polymer 'Molybdenum storage protein subunit beta'
2 polymer 'Molybdenum storage protein subunit alpha'
3 non-polymer "ADENOSINE-5'-TRIPHOSPHATE"
4 non-polymer 'PHOSPHATE ION'
5 non-polymer 'Mo5 Cluster'
6 non-polymer 'MAGNESIUM ION'
7 non-polymer 'Mo6 cluster'
8 non-polymer 'MOLYBDATE ION'
9 water water
#
loop_
_entity_poly.entity_id
_entity_poly.type
_entity_poly.pdbx_seq_one_letter_code
_entity_poly.pdbx_strand_id
1 'polypeptide(L)'
;ANSTAELEELLMQRSLTDPQLQAAAAAAADFRILPDATVIKIGGQSVIDRGRAAVYPLVDEIVAARKNHKLLIGTGAGTR
ARHLYSIAAGLGLPAGVLAQLGSSVADQNAAMLGQLLAKHGIPVVGGAGLSAVPLSLAEVNAVVFSGMPPYKLWMRPAAE
GVIPPYRTDAGCFLLAEQFGCKQMIFVKDEDGLYTANPKTSKDATFIPRISVDEMKAKGLHDSILEFPVLDLLQSAQHVR
EVQVVNGLVPGNLTRALAGEHVGTIITAS
;
B
2 'polypeptide(L)'
;TDTTNSIKHVISPLARQTLQDRDLTRPVAGKRPIRLLPWLQVVKIGGRVMDRGADAILPLVEELRKLLPEHRLLILTGAG
VRARHVFSVGLDLGLPVGSLAPLAASEAGQNGHILAAMLASEGVSYVEHPTVADQLAIHLSATRAVVGSAFPPYHHHEFP
GSRIPPHRADTGAFLLADAFGAAGLTIVENVDGIYTADPNGPDRGQARFLPETSATDLAKSEGPLPVDRALLDVMATARH
IERVQVVNGLVPGRLTAALRGEHVGTLIRTGVRPA
;
A
#
loop_
_chem_comp.id
_chem_comp.type
_chem_comp.name
_chem_comp.formula
ATP non-polymer ADENOSINE-5'-TRIPHOSPHATE 'C10 H16 N5 O13 P3'
FUQ non-polymer 'Mo5 Cluster' 'H20 Mo5 O25'
GUH non-polymer 'Mo6 cluster' 'H20 Mo6 O26 5'
MG non-polymer 'MAGNESIUM ION' 'Mg 2'
MOO non-polymer 'MOLYBDATE ION' 'Mo O4 -2'
PO4 non-polymer 'PHOSPHATE ION' 'O4 P -3'
#
# COMPACT_ATOMS: atom_id res chain seq x y z
N ASN A 2 30.91 2.68 -0.61
CA ASN A 2 29.67 2.68 -1.38
C ASN A 2 29.95 2.68 -2.88
N SER A 3 29.31 1.75 -3.60
CA SER A 3 29.50 1.63 -5.04
C SER A 3 28.33 0.85 -5.61
N THR A 4 28.19 0.92 -6.95
CA THR A 4 27.13 0.17 -7.61
C THR A 4 27.35 -1.32 -7.49
N ALA A 5 28.62 -1.76 -7.49
CA ALA A 5 28.91 -3.19 -7.39
C ALA A 5 28.50 -3.75 -6.04
N GLU A 6 28.74 -2.99 -4.96
CA GLU A 6 28.38 -3.47 -3.62
C GLU A 6 26.87 -3.55 -3.45
N LEU A 7 26.13 -2.58 -4.00
CA LEU A 7 24.67 -2.64 -3.93
C LEU A 7 24.13 -3.84 -4.68
N GLU A 8 24.74 -4.15 -5.83
CA GLU A 8 24.29 -5.30 -6.62
C GLU A 8 24.50 -6.61 -5.87
N GLU A 9 25.70 -6.79 -5.31
CA GLU A 9 26.00 -8.03 -4.59
C GLU A 9 25.12 -8.18 -3.36
N LEU A 10 24.84 -7.07 -2.66
CA LEU A 10 23.93 -7.15 -1.52
C LEU A 10 22.52 -7.51 -1.95
N LEU A 11 22.06 -6.96 -3.07
CA LEU A 11 20.71 -7.23 -3.54
C LEU A 11 20.51 -8.68 -3.95
N MET A 12 21.59 -9.35 -4.37
CA MET A 12 21.49 -10.72 -4.83
C MET A 12 21.68 -11.73 -3.71
N GLN A 13 22.65 -11.51 -2.83
CA GLN A 13 23.01 -12.48 -1.79
C GLN A 13 22.15 -12.36 -0.54
N ARG A 14 21.85 -11.14 -0.11
CA ARG A 14 21.22 -10.87 1.16
C ARG A 14 19.71 -10.67 1.01
N SER A 15 18.99 -10.88 2.11
CA SER A 15 17.56 -10.62 2.14
C SER A 15 17.29 -9.11 2.10
N LEU A 16 16.10 -8.76 1.60
CA LEU A 16 15.72 -7.36 1.53
C LEU A 16 15.53 -6.74 2.91
N THR A 17 15.31 -7.55 3.94
CA THR A 17 15.22 -7.07 5.31
C THR A 17 16.59 -6.81 5.94
N ASP A 18 17.68 -7.11 5.22
CA ASP A 18 19.01 -6.93 5.79
C ASP A 18 19.28 -5.45 6.02
N PRO A 19 19.72 -5.05 7.22
CA PRO A 19 19.99 -3.63 7.45
CA PRO A 19 19.99 -3.63 7.45
C PRO A 19 21.06 -3.07 6.53
N GLN A 20 22.09 -3.86 6.21
CA GLN A 20 23.15 -3.36 5.34
C GLN A 20 22.67 -3.20 3.90
N LEU A 21 21.74 -4.05 3.46
CA LEU A 21 21.16 -3.88 2.13
C LEU A 21 20.30 -2.62 2.06
N GLN A 22 19.49 -2.38 3.10
CA GLN A 22 18.67 -1.18 3.13
C GLN A 22 19.52 0.09 3.15
N ALA A 23 20.63 0.06 3.89
CA ALA A 23 21.50 1.23 3.97
C ALA A 23 22.16 1.52 2.63
N ALA A 24 22.52 0.47 1.89
CA ALA A 24 23.14 0.68 0.57
C ALA A 24 22.14 1.23 -0.43
N ALA A 25 20.89 0.75 -0.37
CA ALA A 25 19.86 1.25 -1.28
C ALA A 25 19.51 2.71 -1.00
N ALA A 26 19.63 3.14 0.27
CA ALA A 26 19.35 4.52 0.62
C ALA A 26 20.34 5.50 0.01
N ALA A 27 21.52 5.03 -0.41
CA ALA A 27 22.53 5.87 -1.01
C ALA A 27 22.36 6.04 -2.51
N ALA A 28 21.36 5.39 -3.11
CA ALA A 28 21.14 5.49 -4.54
C ALA A 28 20.70 6.91 -4.93
N ALA A 29 20.88 7.22 -6.21
CA ALA A 29 20.47 8.52 -6.72
C ALA A 29 18.97 8.70 -6.60
N ASP A 30 18.54 9.95 -6.63
CA ASP A 30 17.14 10.32 -6.44
C ASP A 30 16.65 11.07 -7.67
N PHE A 31 15.79 10.42 -8.45
CA PHE A 31 15.21 11.03 -9.64
C PHE A 31 13.77 11.43 -9.36
N ARG A 32 13.43 12.67 -9.69
CA ARG A 32 12.06 13.15 -9.61
C ARG A 32 11.39 13.00 -10.97
N ILE A 33 10.23 12.34 -10.99
CA ILE A 33 9.54 12.08 -12.25
C ILE A 33 8.87 13.34 -12.77
N LEU A 34 8.17 14.08 -11.91
CA LEU A 34 7.48 15.31 -12.28
C LEU A 34 7.88 16.41 -11.31
N PRO A 35 9.13 16.89 -11.39
CA PRO A 35 9.61 17.83 -10.36
C PRO A 35 8.91 19.19 -10.38
N ASP A 36 8.40 19.62 -11.53
CA ASP A 36 7.82 20.96 -11.65
C ASP A 36 6.30 20.97 -11.53
N ALA A 37 5.70 19.89 -11.05
CA ALA A 37 4.26 19.81 -10.90
C ALA A 37 3.85 20.03 -9.45
N THR A 38 2.58 20.40 -9.27
CA THR A 38 1.99 20.60 -7.96
C THR A 38 0.76 19.71 -7.84
N VAL A 39 0.63 19.03 -6.70
CA VAL A 39 -0.52 18.17 -6.41
C VAL A 39 -1.47 18.93 -5.51
N ILE A 40 -2.73 19.03 -5.94
CA ILE A 40 -3.77 19.73 -5.21
C ILE A 40 -4.89 18.75 -4.91
N LYS A 41 -5.39 18.77 -3.67
CA LYS A 41 -6.55 17.98 -3.29
C LYS A 41 -7.75 18.91 -3.11
N ILE A 42 -8.81 18.65 -3.85
CA ILE A 42 -10.08 19.35 -3.68
C ILE A 42 -10.92 18.51 -2.71
N GLY A 43 -11.21 19.06 -1.54
CA GLY A 43 -11.91 18.31 -0.53
C GLY A 43 -13.30 17.91 -0.97
N GLY A 44 -13.70 16.69 -0.64
CA GLY A 44 -15.02 16.20 -0.99
C GLY A 44 -16.10 16.81 -0.13
N GLN A 45 -16.06 16.53 1.18
CA GLN A 45 -17.04 17.08 2.09
C GLN A 45 -16.86 18.58 2.25
N SER A 46 -15.63 19.07 2.19
CA SER A 46 -15.36 20.47 2.46
C SER A 46 -15.62 21.39 1.27
N VAL A 47 -15.62 20.85 0.05
CA VAL A 47 -15.74 21.70 -1.14
C VAL A 47 -16.80 21.17 -2.10
N ILE A 48 -16.55 20.00 -2.69
CA ILE A 48 -17.37 19.52 -3.80
C ILE A 48 -18.80 19.26 -3.36
N ASP A 49 -18.98 18.75 -2.13
CA ASP A 49 -20.33 18.52 -1.62
C ASP A 49 -21.13 19.81 -1.43
N ARG A 50 -20.48 20.97 -1.49
CA ARG A 50 -21.16 22.25 -1.30
C ARG A 50 -21.74 22.82 -2.59
N GLY A 51 -21.52 22.17 -3.73
CA GLY A 51 -22.17 22.61 -4.96
C GLY A 51 -21.42 23.74 -5.66
N ARG A 52 -22.18 24.49 -6.46
CA ARG A 52 -21.55 25.45 -7.38
C ARG A 52 -20.97 26.64 -6.65
N ALA A 53 -21.49 26.99 -5.48
CA ALA A 53 -20.97 28.15 -4.76
C ALA A 53 -19.50 27.96 -4.40
N ALA A 54 -19.07 26.72 -4.18
CA ALA A 54 -17.68 26.42 -3.85
C ALA A 54 -16.89 25.89 -5.04
N VAL A 55 -17.51 25.12 -5.93
CA VAL A 55 -16.78 24.47 -7.00
C VAL A 55 -16.50 25.44 -8.16
N TYR A 56 -17.48 26.27 -8.51
CA TYR A 56 -17.30 27.18 -9.65
C TYR A 56 -16.14 28.14 -9.49
N PRO A 57 -15.96 28.83 -8.35
CA PRO A 57 -14.77 29.69 -8.23
C PRO A 57 -13.47 28.92 -8.30
N LEU A 58 -13.44 27.68 -7.80
CA LEU A 58 -12.21 26.89 -7.86
C LEU A 58 -11.93 26.39 -9.27
N VAL A 59 -12.97 26.12 -10.05
CA VAL A 59 -12.77 25.82 -11.47
C VAL A 59 -12.12 27.01 -12.17
N ASP A 60 -12.57 28.22 -11.84
CA ASP A 60 -11.98 29.41 -12.45
C ASP A 60 -10.51 29.56 -12.06
N GLU A 61 -10.17 29.28 -10.80
CA GLU A 61 -8.79 29.40 -10.37
C GLU A 61 -7.91 28.36 -11.04
N ILE A 62 -8.44 27.14 -11.23
CA ILE A 62 -7.67 26.09 -11.89
C ILE A 62 -7.39 26.45 -13.34
N VAL A 63 -8.41 26.94 -14.05
CA VAL A 63 -8.22 27.35 -15.44
C VAL A 63 -7.22 28.50 -15.53
N ALA A 64 -7.27 29.43 -14.58
CA ALA A 64 -6.37 30.57 -14.61
C ALA A 64 -4.95 30.18 -14.22
N ALA A 65 -4.81 29.34 -13.18
CA ALA A 65 -3.49 29.05 -12.65
C ALA A 65 -2.71 28.08 -13.51
N ARG A 66 -3.39 27.24 -14.29
CA ARG A 66 -2.69 26.25 -15.12
C ARG A 66 -1.88 26.90 -16.24
N LYS A 67 -2.08 28.20 -16.50
CA LYS A 67 -1.24 28.89 -17.48
C LYS A 67 0.20 28.97 -17.01
N ASN A 68 0.43 28.97 -15.70
CA ASN A 68 1.78 29.11 -15.15
C ASN A 68 2.20 27.95 -14.26
N HIS A 69 1.36 26.92 -14.11
CA HIS A 69 1.68 25.83 -13.20
C HIS A 69 1.15 24.51 -13.77
N LYS A 70 1.91 23.44 -13.52
CA LYS A 70 1.47 22.09 -13.82
C LYS A 70 0.75 21.53 -12.60
N LEU A 71 -0.50 21.09 -12.80
CA LEU A 71 -1.38 20.77 -11.68
C LEU A 71 -1.88 19.33 -11.78
N LEU A 72 -1.66 18.55 -10.72
CA LEU A 72 -2.32 17.28 -10.52
C LEU A 72 -3.43 17.49 -9.49
N ILE A 73 -4.68 17.34 -9.91
CA ILE A 73 -5.85 17.72 -9.11
C ILE A 73 -6.55 16.46 -8.65
N GLY A 74 -6.43 16.15 -7.37
CA GLY A 74 -7.09 15.00 -6.77
C GLY A 74 -8.34 15.40 -6.01
N THR A 75 -9.34 14.51 -6.03
CA THR A 75 -10.64 14.78 -5.43
C THR A 75 -10.82 13.94 -4.17
N GLY A 76 -11.53 14.50 -3.18
CA GLY A 76 -11.92 13.78 -2.00
C GLY A 76 -13.24 13.05 -2.20
N ALA A 77 -13.72 12.46 -1.11
CA ALA A 77 -14.93 11.65 -1.18
C ALA A 77 -16.14 12.43 -0.68
N GLY A 78 -16.33 12.46 0.63
CA GLY A 78 -17.36 13.27 1.25
C GLY A 78 -18.45 12.47 1.94
N THR A 79 -19.62 13.11 2.04
CA THR A 79 -20.71 12.55 2.83
C THR A 79 -21.22 11.24 2.26
N ARG A 80 -21.17 11.04 0.94
CA ARG A 80 -21.60 9.77 0.38
C ARG A 80 -20.69 8.63 0.81
N ALA A 81 -19.40 8.91 1.01
CA ALA A 81 -18.51 7.87 1.52
C ALA A 81 -18.74 7.63 2.99
N ARG A 82 -19.07 8.67 3.77
CA ARG A 82 -19.42 8.49 5.17
C ARG A 82 -20.69 7.66 5.30
N HIS A 83 -21.64 7.83 4.38
CA HIS A 83 -22.85 7.01 4.40
C HIS A 83 -22.51 5.55 4.09
N LEU A 84 -21.66 5.32 3.10
CA LEU A 84 -21.23 3.95 2.78
C LEU A 84 -20.45 3.34 3.93
N TYR A 85 -19.56 4.11 4.56
CA TYR A 85 -18.81 3.61 5.70
C TYR A 85 -19.73 3.22 6.84
N SER A 86 -20.78 4.01 7.07
CA SER A 86 -21.71 3.71 8.16
C SER A 86 -22.52 2.45 7.88
N ILE A 87 -23.01 2.29 6.65
CA ILE A 87 -23.75 1.09 6.30
C ILE A 87 -22.87 -0.15 6.46
N ALA A 88 -21.65 -0.09 5.91
CA ALA A 88 -20.77 -1.26 5.90
C ALA A 88 -20.17 -1.54 7.28
N ALA A 89 -19.90 -0.51 8.08
CA ALA A 89 -19.39 -0.76 9.43
C ALA A 89 -20.44 -1.44 10.30
N GLY A 90 -21.69 -1.03 10.17
CA GLY A 90 -22.78 -1.68 10.88
C GLY A 90 -22.95 -3.14 10.52
N LEU A 91 -22.48 -3.55 9.34
CA LEU A 91 -22.52 -4.94 8.93
C LEU A 91 -21.27 -5.71 9.37
N GLY A 92 -20.28 -5.03 9.93
CA GLY A 92 -19.03 -5.68 10.27
C GLY A 92 -18.12 -5.96 9.10
N LEU A 93 -18.20 -5.14 8.05
CA LEU A 93 -17.33 -5.36 6.89
C LEU A 93 -15.94 -4.79 7.17
N PRO A 94 -14.89 -5.45 6.70
CA PRO A 94 -13.53 -5.02 7.04
C PRO A 94 -13.12 -3.76 6.28
N ALA A 95 -11.98 -3.21 6.70
CA ALA A 95 -11.50 -1.95 6.11
C ALA A 95 -11.24 -2.10 4.62
N GLY A 96 -10.80 -3.28 4.19
CA GLY A 96 -10.53 -3.49 2.77
C GLY A 96 -11.75 -3.31 1.89
N VAL A 97 -12.93 -3.66 2.40
CA VAL A 97 -14.16 -3.45 1.65
C VAL A 97 -14.57 -1.99 1.69
N LEU A 98 -14.45 -1.35 2.87
CA LEU A 98 -14.74 0.07 2.98
C LEU A 98 -13.89 0.89 2.02
N ALA A 99 -12.64 0.47 1.81
CA ALA A 99 -11.74 1.20 0.92
C ALA A 99 -12.27 1.19 -0.51
N GLN A 100 -12.79 0.06 -0.97
CA GLN A 100 -13.36 0.00 -2.31
C GLN A 100 -14.57 0.92 -2.45
N LEU A 101 -15.44 0.94 -1.44
CA LEU A 101 -16.61 1.80 -1.49
C LEU A 101 -16.22 3.27 -1.53
N GLY A 102 -15.20 3.65 -0.76
CA GLY A 102 -14.76 5.04 -0.75
C GLY A 102 -14.18 5.49 -2.07
N SER A 103 -13.53 4.55 -2.79
CA SER A 103 -12.93 4.90 -4.08
C SER A 103 -13.98 5.37 -5.08
N SER A 104 -15.15 4.72 -5.06
CA SER A 104 -16.19 5.07 -6.04
C SER A 104 -16.70 6.48 -5.82
N VAL A 105 -16.83 6.91 -4.57
CA VAL A 105 -17.30 8.27 -4.29
C VAL A 105 -16.25 9.28 -4.76
N ALA A 106 -14.97 9.01 -4.50
CA ALA A 106 -13.92 9.88 -5.03
C ALA A 106 -13.89 9.85 -6.55
N ASP A 107 -14.22 8.70 -7.16
CA ASP A 107 -14.35 8.65 -8.61
C ASP A 107 -15.50 9.52 -9.09
N GLN A 108 -16.62 9.53 -8.34
CA GLN A 108 -17.75 10.38 -8.68
C GLN A 108 -17.34 11.85 -8.73
N ASN A 109 -16.65 12.32 -7.68
CA ASN A 109 -16.27 13.72 -7.63
C ASN A 109 -15.25 14.07 -8.70
N ALA A 110 -14.39 13.13 -9.08
CA ALA A 110 -13.47 13.39 -10.19
C ALA A 110 -14.23 13.57 -11.49
N ALA A 111 -15.31 12.82 -11.68
CA ALA A 111 -16.13 12.95 -12.87
C ALA A 111 -16.76 14.35 -12.95
N MET A 112 -17.41 14.77 -11.88
CA MET A 112 -18.11 16.05 -11.90
C MET A 112 -17.14 17.21 -12.09
N LEU A 113 -15.99 17.16 -11.43
CA LEU A 113 -15.00 18.22 -11.62
C LEU A 113 -14.41 18.18 -13.02
N GLY A 114 -14.19 16.98 -13.56
CA GLY A 114 -13.59 16.87 -14.88
C GLY A 114 -14.51 17.32 -16.01
N GLN A 115 -15.82 17.16 -15.83
CA GLN A 115 -16.78 17.61 -16.82
C GLN A 115 -16.94 19.13 -16.84
N LEU A 116 -16.65 19.80 -15.73
CA LEU A 116 -16.66 21.26 -15.73
C LEU A 116 -15.40 21.84 -16.34
N LEU A 117 -14.33 21.04 -16.45
CA LEU A 117 -13.05 21.47 -17.00
C LEU A 117 -12.80 20.94 -18.40
N ALA A 118 -13.71 20.12 -18.93
CA ALA A 118 -13.47 19.41 -20.18
C ALA A 118 -13.30 20.36 -21.35
N LYS A 119 -14.09 21.44 -21.39
CA LYS A 119 -13.97 22.39 -22.49
C LYS A 119 -12.68 23.20 -22.44
N HIS A 120 -11.92 23.10 -21.36
CA HIS A 120 -10.59 23.69 -21.28
C HIS A 120 -9.50 22.68 -21.61
N GLY A 121 -9.87 21.48 -22.07
CA GLY A 121 -8.93 20.46 -22.45
C GLY A 121 -8.43 19.58 -21.33
N ILE A 122 -8.85 19.82 -20.09
CA ILE A 122 -8.31 19.09 -18.95
C ILE A 122 -9.02 17.76 -18.79
N PRO A 123 -8.30 16.63 -18.85
CA PRO A 123 -8.96 15.33 -18.77
C PRO A 123 -8.99 14.73 -17.37
N VAL A 124 -9.77 13.67 -17.17
CA VAL A 124 -9.76 12.89 -15.93
C VAL A 124 -8.88 11.67 -16.15
N VAL A 125 -7.98 11.41 -15.23
CA VAL A 125 -7.02 10.28 -15.34
C VAL A 125 -7.68 9.02 -14.83
N GLY A 126 -8.95 8.87 -15.18
CA GLY A 126 -9.71 7.62 -14.97
C GLY A 126 -9.48 6.87 -16.27
N GLY A 127 -8.86 5.70 -16.23
CA GLY A 127 -8.48 5.08 -17.51
C GLY A 127 -7.02 5.45 -17.68
N ALA A 128 -6.15 4.49 -17.35
CA ALA A 128 -4.68 4.53 -17.24
C ALA A 128 -4.29 5.14 -15.89
N GLY A 129 -3.02 5.44 -15.66
CA GLY A 129 -2.59 5.98 -14.35
C GLY A 129 -1.34 6.81 -14.46
N LEU A 130 -0.99 7.10 -15.70
CA LEU A 130 0.15 7.91 -16.17
C LEU A 130 -0.02 7.98 -17.69
N SER A 131 1.03 8.47 -18.35
CA SER A 131 1.06 8.63 -19.82
C SER A 131 -0.21 9.41 -20.16
N ALA A 132 -1.30 9.06 -19.50
CA ALA A 132 -2.33 10.07 -19.64
C ALA A 132 -1.90 11.34 -18.91
N VAL A 133 -1.01 11.21 -17.94
CA VAL A 133 -0.58 12.32 -17.09
C VAL A 133 0.58 13.07 -17.75
N PRO A 134 1.68 12.41 -18.16
CA PRO A 134 2.71 13.16 -18.91
C PRO A 134 2.19 13.93 -20.11
N LEU A 135 1.40 13.30 -20.97
CA LEU A 135 0.93 13.96 -22.18
C LEU A 135 0.03 15.15 -21.86
N SER A 136 -0.83 15.02 -20.84
CA SER A 136 -1.76 16.09 -20.54
C SER A 136 -1.07 17.22 -19.79
N LEU A 137 -0.14 16.90 -18.89
CA LEU A 137 0.62 17.94 -18.20
C LEU A 137 1.44 18.75 -19.19
N ALA A 138 1.95 18.11 -20.25
CA ALA A 138 2.77 18.83 -21.22
C ALA A 138 1.92 19.75 -22.08
N GLU A 139 0.75 19.29 -22.50
CA GLU A 139 -0.04 20.04 -23.47
C GLU A 139 -1.09 20.92 -22.82
N VAL A 140 -1.75 20.45 -21.78
CA VAL A 140 -2.90 21.18 -21.18
C VAL A 140 -2.62 21.65 -19.74
N ASN A 141 -1.53 21.16 -19.14
CA ASN A 141 -0.99 21.62 -17.85
C ASN A 141 -1.79 21.18 -16.63
N ALA A 142 -2.76 20.30 -16.76
CA ALA A 142 -3.55 19.88 -15.60
C ALA A 142 -4.25 18.56 -15.91
N VAL A 143 -4.42 17.74 -14.87
CA VAL A 143 -5.22 16.54 -14.93
C VAL A 143 -6.04 16.43 -13.65
N VAL A 144 -7.17 15.74 -13.74
CA VAL A 144 -8.01 15.43 -12.60
C VAL A 144 -7.93 13.93 -12.35
N PHE A 145 -7.77 13.55 -11.07
CA PHE A 145 -7.71 12.14 -10.69
C PHE A 145 -8.41 11.96 -9.35
N SER A 146 -8.70 10.69 -9.04
CA SER A 146 -9.34 10.34 -7.78
C SER A 146 -8.29 10.22 -6.68
N GLY A 147 -8.58 10.84 -5.53
CA GLY A 147 -7.59 10.88 -4.46
C GLY A 147 -7.50 9.63 -3.61
N MET A 148 -8.35 8.64 -3.84
CA MET A 148 -8.31 7.44 -3.01
C MET A 148 -7.16 6.54 -3.44
N PRO A 149 -6.40 6.00 -2.48
CA PRO A 149 -5.33 5.07 -2.82
C PRO A 149 -5.89 3.77 -3.38
N PRO A 150 -5.10 3.04 -4.18
CA PRO A 150 -5.64 1.85 -4.85
C PRO A 150 -5.51 0.58 -4.04
N TYR A 151 -5.39 0.71 -2.71
CA TYR A 151 -5.13 -0.47 -1.88
C TYR A 151 -6.28 -1.47 -1.94
N LYS A 152 -7.52 -0.96 -1.94
CA LYS A 152 -8.72 -1.78 -2.08
C LYS A 152 -8.73 -2.79 -0.93
N LEU A 153 -8.85 -4.08 -1.20
CA LEU A 153 -8.94 -5.08 -0.13
C LEU A 153 -7.63 -5.23 0.64
N TRP A 154 -6.51 -4.77 0.07
CA TRP A 154 -5.22 -4.79 0.74
C TRP A 154 -4.98 -3.56 1.60
N MET A 155 -6.04 -2.83 1.95
CA MET A 155 -5.89 -1.62 2.75
C MET A 155 -5.33 -1.95 4.13
N ARG A 156 -4.28 -1.24 4.50
CA ARG A 156 -3.72 -1.39 5.84
C ARG A 156 -4.72 -0.86 6.86
N PRO A 157 -5.26 -1.70 7.74
CA PRO A 157 -6.29 -1.23 8.67
C PRO A 157 -5.70 -0.44 9.83
N ALA A 158 -6.55 0.39 10.42
CA ALA A 158 -6.16 1.14 11.61
C ALA A 158 -6.05 0.20 12.82
N ALA A 159 -5.55 0.75 13.92
CA ALA A 159 -5.37 -0.04 15.13
C ALA A 159 -6.69 -0.62 15.62
N GLU A 160 -7.77 0.14 15.50
CA GLU A 160 -9.11 -0.36 15.82
C GLU A 160 -10.11 0.35 14.93
N GLY A 161 -11.25 -0.29 14.72
CA GLY A 161 -12.26 0.19 13.81
C GLY A 161 -12.00 -0.27 12.38
N VAL A 162 -13.04 -0.16 11.56
CA VAL A 162 -13.00 -0.60 10.17
C VAL A 162 -12.90 0.54 9.19
N ILE A 163 -12.88 1.79 9.66
CA ILE A 163 -12.71 2.92 8.74
C ILE A 163 -11.29 2.91 8.18
N PRO A 164 -11.11 3.01 6.87
CA PRO A 164 -9.77 3.02 6.28
C PRO A 164 -8.98 4.22 6.78
N PRO A 165 -7.78 4.00 7.33
CA PRO A 165 -6.97 5.13 7.80
C PRO A 165 -6.26 5.90 6.70
N TYR A 166 -6.12 5.32 5.50
CA TYR A 166 -5.46 5.97 4.38
C TYR A 166 -6.52 6.28 3.34
N ARG A 167 -6.97 7.53 3.29
CA ARG A 167 -8.01 7.93 2.36
C ARG A 167 -7.49 8.97 1.37
N THR A 168 -8.31 9.96 1.05
CA THR A 168 -7.97 10.86 -0.06
C THR A 168 -6.85 11.83 0.29
N ASP A 169 -6.67 12.18 1.57
CA ASP A 169 -5.52 12.97 1.95
C ASP A 169 -4.23 12.20 1.71
N ALA A 170 -4.17 10.95 2.18
CA ALA A 170 -2.98 10.13 2.01
C ALA A 170 -2.74 9.80 0.54
N GLY A 171 -3.81 9.49 -0.20
CA GLY A 171 -3.65 9.14 -1.60
C GLY A 171 -3.03 10.26 -2.41
N CYS A 172 -3.47 11.50 -2.18
CA CYS A 172 -2.91 12.64 -2.91
C CYS A 172 -1.47 12.90 -2.49
N PHE A 173 -1.18 12.82 -1.18
CA PHE A 173 0.17 13.06 -0.71
C PHE A 173 1.15 12.01 -1.24
N LEU A 174 0.74 10.74 -1.21
CA LEU A 174 1.63 9.68 -1.67
C LEU A 174 1.95 9.83 -3.15
N LEU A 175 0.99 10.29 -3.94
CA LEU A 175 1.26 10.56 -5.35
C LEU A 175 2.25 11.70 -5.50
N ALA A 176 2.11 12.74 -4.66
CA ALA A 176 3.04 13.85 -4.70
C ALA A 176 4.45 13.42 -4.32
N GLU A 177 4.56 12.54 -3.31
CA GLU A 177 5.88 12.12 -2.86
C GLU A 177 6.56 11.20 -3.86
N GLN A 178 5.83 10.25 -4.43
CA GLN A 178 6.44 9.28 -5.33
C GLN A 178 6.74 9.85 -6.71
N PHE A 179 6.05 10.93 -7.12
CA PHE A 179 6.37 11.62 -8.36
C PHE A 179 7.35 12.75 -8.16
N GLY A 180 7.80 13.00 -6.93
CA GLY A 180 8.77 14.04 -6.67
C GLY A 180 8.28 15.43 -7.00
N CYS A 181 7.00 15.70 -6.80
CA CYS A 181 6.45 17.02 -7.09
C CYS A 181 7.00 18.04 -6.10
N LYS A 182 6.93 19.31 -6.50
CA LYS A 182 7.52 20.40 -5.73
C LYS A 182 6.61 20.95 -4.66
N GLN A 183 5.32 20.61 -4.67
CA GLN A 183 4.38 21.27 -3.78
C GLN A 183 3.14 20.40 -3.61
N MET A 184 2.56 20.47 -2.41
CA MET A 184 1.34 19.73 -2.08
C MET A 184 0.42 20.68 -1.31
N ILE A 185 -0.79 20.88 -1.84
CA ILE A 185 -1.75 21.82 -1.27
C ILE A 185 -3.06 21.09 -1.03
N PHE A 186 -3.53 21.09 0.22
CA PHE A 186 -4.83 20.54 0.59
C PHE A 186 -5.85 21.68 0.65
N VAL A 187 -6.88 21.59 -0.17
CA VAL A 187 -7.92 22.61 -0.28
C VAL A 187 -9.12 22.15 0.52
N LYS A 188 -9.33 22.77 1.68
CA LYS A 188 -10.39 22.41 2.60
C LYS A 188 -11.38 23.57 2.72
N ASP A 189 -12.21 23.55 3.78
CA ASP A 189 -13.16 24.62 4.06
C ASP A 189 -12.82 25.38 5.32
N GLU A 190 -11.55 25.32 5.75
CA GLU A 190 -11.07 26.04 6.92
C GLU A 190 -9.82 26.82 6.55
N ASP A 191 -9.60 27.93 7.27
CA ASP A 191 -8.44 28.76 6.99
C ASP A 191 -7.14 28.02 7.24
N GLY A 192 -7.14 27.04 8.13
CA GLY A 192 -5.95 26.26 8.38
C GLY A 192 -6.07 25.49 9.69
N LEU A 193 -4.94 25.29 10.34
CA LEU A 193 -4.89 24.58 11.61
C LEU A 193 -5.05 25.55 12.77
N TYR A 194 -5.87 25.15 13.74
CA TYR A 194 -6.07 25.91 14.97
C TYR A 194 -5.62 25.07 16.16
N THR A 195 -5.54 25.71 17.33
CA THR A 195 -5.28 24.99 18.57
C THR A 195 -6.46 24.12 18.99
N ALA A 196 -7.62 24.27 18.34
CA ALA A 196 -8.77 23.43 18.59
C ALA A 196 -9.57 23.34 17.29
N ASN A 197 -10.71 22.65 17.35
CA ASN A 197 -11.59 22.57 16.19
C ASN A 197 -12.44 23.84 16.12
N PRO A 198 -12.23 24.70 15.12
CA PRO A 198 -12.93 25.99 15.10
C PRO A 198 -14.44 25.87 14.94
N LYS A 199 -14.94 24.74 14.42
CA LYS A 199 -16.38 24.59 14.26
C LYS A 199 -17.07 24.34 15.60
N THR A 200 -16.39 23.71 16.54
CA THR A 200 -17.00 23.33 17.82
C THR A 200 -16.26 23.93 19.02
N SER A 201 -15.40 24.92 18.80
CA SER A 201 -14.67 25.57 19.87
C SER A 201 -14.87 27.07 19.79
N LYS A 202 -15.06 27.70 20.95
CA LYS A 202 -15.32 29.13 20.99
C LYS A 202 -14.04 29.96 20.91
N ASP A 203 -12.94 29.46 21.48
CA ASP A 203 -11.68 30.18 21.54
C ASP A 203 -10.55 29.27 21.04
N ALA A 204 -10.33 29.27 19.74
CA ALA A 204 -9.21 28.59 19.11
C ALA A 204 -8.26 29.63 18.50
N THR A 205 -7.01 29.22 18.30
CA THR A 205 -5.98 30.13 17.82
C THR A 205 -5.35 29.58 16.54
N PHE A 206 -5.31 30.42 15.51
CA PHE A 206 -4.77 30.01 14.22
C PHE A 206 -3.27 29.73 14.33
N ILE A 207 -2.82 28.69 13.63
CA ILE A 207 -1.41 28.33 13.60
C ILE A 207 -0.88 28.50 12.18
N PRO A 208 -0.03 29.50 11.93
CA PRO A 208 0.48 29.72 10.56
C PRO A 208 1.46 28.65 10.11
N ARG A 209 2.29 28.13 10.99
CA ARG A 209 3.33 27.16 10.64
C ARG A 209 3.62 26.28 11.84
N ILE A 210 3.79 24.98 11.59
CA ILE A 210 4.02 24.02 12.66
C ILE A 210 4.63 22.77 12.04
N SER A 211 5.41 22.04 12.84
CA SER A 211 5.98 20.77 12.42
C SER A 211 5.14 19.62 12.95
N VAL A 212 5.40 18.42 12.42
CA VAL A 212 4.63 17.25 12.83
C VAL A 212 4.88 16.93 14.29
N ASP A 213 6.14 17.04 14.75
CA ASP A 213 6.45 16.77 16.15
C ASP A 213 5.72 17.73 17.07
N GLU A 214 5.61 18.99 16.68
CA GLU A 214 4.89 19.96 17.51
C GLU A 214 3.40 19.68 17.53
N MET A 215 2.84 19.18 16.43
CA MET A 215 1.42 18.85 16.41
C MET A 215 1.12 17.68 17.34
N LYS A 216 1.96 16.65 17.32
CA LYS A 216 1.73 15.49 18.20
C LYS A 216 1.83 15.88 19.66
N ALA A 217 2.74 16.80 19.99
CA ALA A 217 2.93 17.22 21.37
C ALA A 217 1.78 18.05 21.91
N LYS A 218 0.78 18.39 21.09
CA LYS A 218 -0.33 19.21 21.53
C LYS A 218 -1.69 18.60 21.19
N GLY A 219 -1.73 17.33 20.79
CA GLY A 219 -3.00 16.66 20.54
C GLY A 219 -3.73 17.12 19.29
N LEU A 220 -2.99 17.42 18.22
CA LEU A 220 -3.58 17.82 16.94
C LEU A 220 -3.30 16.81 15.84
N HIS A 221 -3.12 15.54 16.21
CA HIS A 221 -2.66 14.54 15.25
C HIS A 221 -3.72 14.26 14.19
N ASP A 222 -4.97 14.06 14.61
CA ASP A 222 -6.07 13.79 13.70
C ASP A 222 -7.04 14.97 13.80
N SER A 223 -6.76 16.03 13.02
CA SER A 223 -7.56 17.24 13.06
C SER A 223 -7.98 17.66 11.66
N ILE A 224 -7.23 18.57 11.04
CA ILE A 224 -7.56 19.02 9.70
C ILE A 224 -7.04 18.07 8.64
N LEU A 225 -6.02 17.27 8.95
CA LEU A 225 -5.48 16.27 8.05
C LEU A 225 -5.64 14.89 8.67
N GLU A 226 -5.78 13.88 7.82
CA GLU A 226 -5.74 12.49 8.27
C GLU A 226 -4.45 12.23 9.02
N PHE A 227 -4.56 11.61 10.19
CA PHE A 227 -3.40 11.44 11.06
C PHE A 227 -2.27 10.60 10.45
N PRO A 228 -2.52 9.59 9.59
CA PRO A 228 -1.37 8.91 8.96
C PRO A 228 -0.61 9.78 7.98
N VAL A 229 -1.23 10.83 7.43
CA VAL A 229 -0.52 11.71 6.51
C VAL A 229 0.65 12.38 7.21
N LEU A 230 0.50 12.71 8.49
CA LEU A 230 1.59 13.33 9.24
C LEU A 230 2.77 12.38 9.36
N ASP A 231 2.50 11.08 9.57
CA ASP A 231 3.57 10.12 9.68
C ASP A 231 4.23 9.85 8.33
N LEU A 232 3.42 9.80 7.26
CA LEU A 232 3.99 9.69 5.92
C LEU A 232 4.85 10.92 5.59
N LEU A 233 4.44 12.09 6.07
CA LEU A 233 5.18 13.31 5.79
C LEU A 233 6.57 13.27 6.43
N GLN A 234 6.66 12.75 7.65
CA GLN A 234 7.95 12.63 8.33
C GLN A 234 8.88 11.65 7.64
N SER A 235 8.35 10.68 6.89
CA SER A 235 9.17 9.70 6.20
C SER A 235 9.45 10.07 4.75
N ALA A 236 8.87 11.16 4.26
CA ALA A 236 9.02 11.52 2.86
C ALA A 236 10.41 12.03 2.55
N GLN A 237 10.83 11.85 1.30
CA GLN A 237 12.11 12.35 0.82
C GLN A 237 11.99 13.56 -0.10
N HIS A 238 10.89 13.68 -0.83
CA HIS A 238 10.68 14.73 -1.82
C HIS A 238 9.81 15.87 -1.30
N VAL A 239 8.63 15.56 -0.79
CA VAL A 239 7.70 16.56 -0.30
C VAL A 239 7.84 16.59 1.21
N ARG A 240 8.60 17.56 1.72
CA ARG A 240 8.90 17.68 3.14
C ARG A 240 7.99 18.69 3.86
N GLU A 241 7.02 19.28 3.15
CA GLU A 241 6.06 20.16 3.79
C GLU A 241 4.81 20.26 2.93
N VAL A 242 3.68 20.53 3.57
CA VAL A 242 2.39 20.67 2.90
C VAL A 242 1.73 21.96 3.37
N GLN A 243 0.74 22.41 2.61
CA GLN A 243 0.02 23.63 2.91
C GLN A 243 -1.48 23.38 2.86
N VAL A 244 -2.19 23.80 3.90
CA VAL A 244 -3.63 23.65 4.00
C VAL A 244 -4.27 25.03 3.85
N VAL A 245 -5.19 25.16 2.89
CA VAL A 245 -5.80 26.43 2.56
C VAL A 245 -7.32 26.28 2.53
N ASN A 246 -8.01 27.41 2.65
CA ASN A 246 -9.47 27.46 2.59
C ASN A 246 -9.88 27.68 1.14
N GLY A 247 -10.53 26.68 0.55
CA GLY A 247 -10.99 26.82 -0.83
C GLY A 247 -12.19 27.73 -0.98
N LEU A 248 -12.93 27.98 0.10
CA LEU A 248 -14.10 28.85 0.04
C LEU A 248 -13.74 30.32 -0.03
N VAL A 249 -12.47 30.68 0.14
CA VAL A 249 -12.04 32.06 0.01
C VAL A 249 -11.61 32.29 -1.43
N PRO A 250 -12.14 33.31 -2.11
CA PRO A 250 -11.81 33.52 -3.53
C PRO A 250 -10.33 33.82 -3.72
N GLY A 251 -9.70 33.08 -4.63
CA GLY A 251 -8.31 33.29 -4.99
C GLY A 251 -7.30 32.65 -4.07
N ASN A 252 -7.73 31.87 -3.07
CA ASN A 252 -6.79 31.28 -2.14
C ASN A 252 -5.89 30.24 -2.80
N LEU A 253 -6.47 29.42 -3.68
CA LEU A 253 -5.66 28.44 -4.40
C LEU A 253 -4.69 29.12 -5.36
N THR A 254 -5.15 30.18 -6.05
CA THR A 254 -4.28 30.93 -6.94
C THR A 254 -3.10 31.53 -6.18
N ARG A 255 -3.38 32.16 -5.04
CA ARG A 255 -2.32 32.81 -4.28
C ARG A 255 -1.38 31.80 -3.64
N ALA A 256 -1.90 30.63 -3.23
CA ALA A 256 -1.01 29.60 -2.69
C ALA A 256 -0.05 29.08 -3.76
N LEU A 257 -0.54 28.92 -4.99
CA LEU A 257 0.32 28.51 -6.09
C LEU A 257 1.35 29.59 -6.46
N ALA A 258 1.08 30.85 -6.13
CA ALA A 258 2.00 31.93 -6.39
C ALA A 258 3.04 32.10 -5.27
N GLY A 259 3.08 31.18 -4.32
CA GLY A 259 4.06 31.22 -3.25
C GLY A 259 3.66 32.01 -2.03
N GLU A 260 2.39 32.36 -1.90
CA GLU A 260 1.92 33.13 -0.75
C GLU A 260 1.57 32.20 0.40
N HIS A 261 1.92 32.61 1.62
CA HIS A 261 1.80 31.75 2.79
C HIS A 261 0.41 31.88 3.43
N VAL A 262 -0.60 31.62 2.61
CA VAL A 262 -1.98 31.55 3.09
C VAL A 262 -2.19 30.19 3.75
N GLY A 263 -3.02 30.18 4.80
CA GLY A 263 -3.30 28.94 5.48
C GLY A 263 -2.19 28.52 6.42
N THR A 264 -2.05 27.20 6.57
CA THR A 264 -1.09 26.60 7.50
C THR A 264 -0.10 25.73 6.73
N ILE A 265 1.18 25.95 6.96
CA ILE A 265 2.25 25.13 6.41
C ILE A 265 2.68 24.14 7.47
N ILE A 266 2.60 22.84 7.17
CA ILE A 266 3.00 21.78 8.07
C ILE A 266 4.30 21.18 7.54
N THR A 267 5.34 21.19 8.37
CA THR A 267 6.66 20.70 7.99
C THR A 267 6.92 19.34 8.61
N ALA A 268 7.77 18.55 7.93
CA ALA A 268 8.10 17.22 8.43
C ALA A 268 8.96 17.29 9.70
N SER A 269 9.84 18.28 9.78
CA SER A 269 10.73 18.41 10.93
C SER A 269 10.90 19.87 11.32
N LYS B 31 -17.44 -5.39 17.83
CA LYS B 31 -16.16 -6.06 18.03
C LYS B 31 -15.41 -6.21 16.71
N ARG B 32 -14.97 -7.43 16.41
CA ARG B 32 -14.21 -7.70 15.21
C ARG B 32 -15.12 -7.67 13.98
N PRO B 33 -14.55 -7.41 12.80
CA PRO B 33 -15.34 -7.54 11.57
C PRO B 33 -15.60 -9.00 11.23
N ILE B 34 -16.55 -9.20 10.33
CA ILE B 34 -16.94 -10.56 9.96
C ILE B 34 -15.88 -11.20 9.07
N ARG B 35 -15.96 -12.52 8.95
CA ARG B 35 -15.09 -13.28 8.07
C ARG B 35 -15.80 -13.48 6.74
N LEU B 36 -15.18 -12.99 5.65
CA LEU B 36 -15.79 -13.10 4.33
C LEU B 36 -15.73 -14.53 3.80
N LEU B 37 -14.55 -15.15 3.86
CA LEU B 37 -14.32 -16.51 3.38
C LEU B 37 -13.67 -17.31 4.50
N PRO B 38 -14.45 -17.73 5.50
CA PRO B 38 -13.85 -18.42 6.66
C PRO B 38 -13.34 -19.82 6.36
N TRP B 39 -13.71 -20.39 5.21
CA TRP B 39 -13.24 -21.72 4.83
C TRP B 39 -12.02 -21.69 3.92
N LEU B 40 -11.46 -20.51 3.68
CA LEU B 40 -10.35 -20.37 2.74
C LEU B 40 -9.02 -20.65 3.42
N GLN B 41 -8.16 -21.38 2.72
CA GLN B 41 -6.76 -21.55 3.12
C GLN B 41 -5.88 -20.80 2.13
N VAL B 42 -4.99 -19.96 2.65
CA VAL B 42 -4.11 -19.14 1.83
C VAL B 42 -2.70 -19.69 1.97
N VAL B 43 -2.02 -19.89 0.85
CA VAL B 43 -0.66 -20.42 0.81
C VAL B 43 0.19 -19.47 -0.01
N LYS B 44 1.27 -18.97 0.57
CA LYS B 44 2.19 -18.07 -0.10
C LYS B 44 3.45 -18.85 -0.47
N ILE B 45 3.79 -18.86 -1.75
CA ILE B 45 4.96 -19.56 -2.27
C ILE B 45 6.07 -18.54 -2.47
N GLY B 46 7.21 -18.76 -1.81
CA GLY B 46 8.31 -17.82 -1.93
C GLY B 46 8.89 -17.80 -3.34
N GLY B 47 9.22 -16.59 -3.80
CA GLY B 47 9.79 -16.44 -5.14
C GLY B 47 11.13 -17.14 -5.30
N ARG B 48 11.94 -17.17 -4.24
CA ARG B 48 13.21 -17.88 -4.33
C ARG B 48 13.03 -19.39 -4.39
N VAL B 49 11.86 -19.90 -3.98
CA VAL B 49 11.56 -21.31 -4.19
C VAL B 49 11.30 -21.57 -5.67
N MET B 50 10.56 -20.67 -6.33
CA MET B 50 10.34 -20.76 -7.77
C MET B 50 11.64 -20.60 -8.55
N ASP B 51 12.59 -19.81 -8.02
CA ASP B 51 13.84 -19.56 -8.72
C ASP B 51 14.67 -20.83 -8.91
N ARG B 52 14.43 -21.87 -8.10
CA ARG B 52 15.22 -23.08 -8.19
C ARG B 52 14.83 -23.98 -9.37
N GLY B 53 13.79 -23.64 -10.12
CA GLY B 53 13.47 -24.38 -11.32
C GLY B 53 12.70 -25.66 -11.04
N ALA B 54 12.70 -26.54 -12.05
CA ALA B 54 11.87 -27.74 -12.01
C ALA B 54 12.21 -28.65 -10.83
N ASP B 55 13.47 -28.62 -10.38
CA ASP B 55 13.87 -29.48 -9.27
C ASP B 55 13.08 -29.16 -8.00
N ALA B 56 12.70 -27.90 -7.81
CA ALA B 56 11.87 -27.51 -6.67
C ALA B 56 10.39 -27.42 -7.05
N ILE B 57 10.09 -26.98 -8.27
CA ILE B 57 8.71 -26.70 -8.65
C ILE B 57 7.92 -27.99 -8.83
N LEU B 58 8.51 -28.99 -9.48
CA LEU B 58 7.78 -30.23 -9.76
C LEU B 58 7.36 -30.98 -8.49
N PRO B 59 8.20 -31.13 -7.46
CA PRO B 59 7.70 -31.75 -6.22
C PRO B 59 6.59 -30.93 -5.57
N LEU B 60 6.74 -29.61 -5.53
CA LEU B 60 5.71 -28.76 -4.94
C LEU B 60 4.42 -28.83 -5.72
N VAL B 61 4.50 -28.87 -7.05
CA VAL B 61 3.32 -28.99 -7.89
C VAL B 61 2.60 -30.31 -7.60
N GLU B 62 3.36 -31.40 -7.47
CA GLU B 62 2.73 -32.70 -7.21
C GLU B 62 2.07 -32.72 -5.84
N GLU B 63 2.65 -32.04 -4.86
CA GLU B 63 2.03 -31.97 -3.55
C GLU B 63 0.79 -31.09 -3.56
N LEU B 64 0.82 -29.99 -4.33
CA LEU B 64 -0.35 -29.14 -4.45
C LEU B 64 -1.51 -29.87 -5.12
N ARG B 65 -1.23 -30.71 -6.12
CA ARG B 65 -2.31 -31.49 -6.79
C ARG B 65 -3.02 -32.37 -5.77
N LYS B 66 -2.27 -33.05 -4.91
CA LYS B 66 -2.89 -33.93 -3.92
C LYS B 66 -3.61 -33.15 -2.83
N LEU B 67 -3.28 -31.88 -2.64
CA LEU B 67 -3.95 -31.05 -1.64
C LEU B 67 -5.28 -30.48 -2.16
N LEU B 68 -5.47 -30.43 -3.48
CA LEU B 68 -6.68 -29.85 -4.04
C LEU B 68 -7.98 -30.47 -3.51
N PRO B 69 -8.12 -31.78 -3.36
CA PRO B 69 -9.37 -32.31 -2.81
C PRO B 69 -9.55 -32.04 -1.31
N GLU B 70 -8.50 -31.60 -0.61
CA GLU B 70 -8.57 -31.46 0.83
C GLU B 70 -8.87 -30.04 1.30
N HIS B 71 -8.53 -29.03 0.51
CA HIS B 71 -8.69 -27.65 0.93
C HIS B 71 -9.18 -26.79 -0.22
N ARG B 72 -9.74 -25.63 0.13
CA ARG B 72 -10.04 -24.56 -0.82
C ARG B 72 -8.87 -23.58 -0.74
N LEU B 73 -8.06 -23.53 -1.79
CA LEU B 73 -6.76 -22.90 -1.74
C LEU B 73 -6.71 -21.61 -2.56
N LEU B 74 -6.17 -20.56 -1.94
CA LEU B 74 -5.71 -19.37 -2.65
C LEU B 74 -4.19 -19.38 -2.60
N ILE B 75 -3.55 -19.63 -3.74
CA ILE B 75 -2.11 -19.78 -3.83
C ILE B 75 -1.54 -18.47 -4.36
N LEU B 76 -0.67 -17.84 -3.56
CA LEU B 76 -0.07 -16.56 -3.89
C LEU B 76 1.44 -16.73 -4.02
N THR B 77 2.02 -16.18 -5.08
CA THR B 77 3.43 -16.35 -5.39
C THR B 77 4.20 -15.06 -5.12
N GLY B 78 5.42 -15.21 -4.60
CA GLY B 78 6.31 -14.09 -4.40
C GLY B 78 7.13 -13.78 -5.64
N ALA B 79 8.07 -12.84 -5.48
CA ALA B 79 8.80 -12.28 -6.61
C ALA B 79 10.11 -13.02 -6.87
N GLY B 80 11.01 -13.05 -5.90
CA GLY B 80 12.25 -13.78 -6.05
C GLY B 80 13.39 -12.93 -6.58
N VAL B 81 14.37 -13.62 -7.16
CA VAL B 81 15.62 -12.98 -7.53
C VAL B 81 15.44 -11.96 -8.66
N ARG B 82 14.44 -12.15 -9.52
CA ARG B 82 14.25 -11.19 -10.62
C ARG B 82 13.82 -9.83 -10.10
N ALA B 83 13.15 -9.79 -8.94
CA ALA B 83 12.83 -8.50 -8.33
C ALA B 83 14.09 -7.78 -7.86
N ARG B 84 15.11 -8.54 -7.44
CA ARG B 84 16.37 -7.91 -7.05
C ARG B 84 17.07 -7.29 -8.25
N HIS B 85 16.92 -7.89 -9.43
CA HIS B 85 17.56 -7.35 -10.63
C HIS B 85 16.89 -6.05 -11.07
N VAL B 86 15.56 -5.99 -11.02
CA VAL B 86 14.88 -4.77 -11.42
C VAL B 86 15.07 -3.68 -10.37
N PHE B 87 15.28 -4.05 -9.11
CA PHE B 87 15.70 -3.08 -8.11
C PHE B 87 17.08 -2.53 -8.45
N SER B 88 18.00 -3.40 -8.85
CA SER B 88 19.36 -2.97 -9.17
C SER B 88 19.35 -2.01 -10.35
N VAL B 89 18.61 -2.33 -11.40
CA VAL B 89 18.50 -1.44 -12.55
C VAL B 89 17.75 -0.16 -12.17
N GLY B 90 16.63 -0.31 -11.47
CA GLY B 90 15.81 0.85 -11.14
C GLY B 90 16.51 1.81 -10.19
N LEU B 91 17.16 1.28 -9.16
CA LEU B 91 17.91 2.13 -8.24
C LEU B 91 19.07 2.82 -8.94
N ASP B 92 19.73 2.13 -9.87
CA ASP B 92 20.79 2.77 -10.64
C ASP B 92 20.24 3.89 -11.51
N LEU B 93 18.98 3.79 -11.93
CA LEU B 93 18.33 4.87 -12.65
C LEU B 93 17.77 5.94 -11.72
N GLY B 94 17.84 5.74 -10.41
CA GLY B 94 17.33 6.70 -9.45
C GLY B 94 15.84 6.69 -9.23
N LEU B 95 15.15 5.63 -9.64
CA LEU B 95 13.70 5.62 -9.58
C LEU B 95 13.22 5.53 -8.13
N PRO B 96 12.12 6.21 -7.78
CA PRO B 96 11.63 6.16 -6.40
C PRO B 96 11.03 4.83 -6.01
N VAL B 97 10.62 4.70 -4.75
CA VAL B 97 10.11 3.42 -4.25
C VAL B 97 8.73 3.13 -4.84
N GLY B 98 7.97 4.17 -5.18
CA GLY B 98 6.70 3.97 -5.85
C GLY B 98 6.83 3.45 -7.26
N SER B 99 8.01 3.58 -7.87
CA SER B 99 8.23 2.99 -9.18
C SER B 99 8.70 1.54 -9.07
N LEU B 100 9.49 1.23 -8.04
CA LEU B 100 10.03 -0.11 -7.89
C LEU B 100 8.98 -1.12 -7.45
N ALA B 101 8.00 -0.67 -6.66
CA ALA B 101 7.01 -1.59 -6.10
C ALA B 101 6.25 -2.36 -7.17
N PRO B 102 5.66 -1.73 -8.19
CA PRO B 102 4.94 -2.52 -9.21
C PRO B 102 5.86 -3.24 -10.17
N LEU B 103 7.12 -2.78 -10.33
CA LEU B 103 8.08 -3.54 -11.11
C LEU B 103 8.39 -4.88 -10.46
N ALA B 104 8.58 -4.89 -9.14
CA ALA B 104 8.80 -6.14 -8.44
C ALA B 104 7.53 -6.98 -8.38
N ALA B 105 6.37 -6.32 -8.25
CA ALA B 105 5.11 -7.06 -8.25
C ALA B 105 4.95 -7.87 -9.53
N SER B 106 5.38 -7.32 -10.66
CA SER B 106 5.28 -8.01 -11.94
C SER B 106 5.96 -9.37 -11.89
N GLU B 107 7.10 -9.46 -11.21
CA GLU B 107 7.81 -10.74 -11.13
C GLU B 107 7.04 -11.77 -10.31
N ALA B 108 6.30 -11.31 -9.29
CA ALA B 108 5.44 -12.23 -8.55
C ALA B 108 4.32 -12.76 -9.44
N GLY B 109 3.84 -11.94 -10.37
CA GLY B 109 2.81 -12.40 -11.29
C GLY B 109 3.33 -13.41 -12.30
N GLN B 110 4.59 -13.27 -12.71
CA GLN B 110 5.16 -14.24 -13.64
C GLN B 110 5.33 -15.61 -12.99
N ASN B 111 5.76 -15.62 -11.72
CA ASN B 111 5.79 -16.88 -10.97
C ASN B 111 4.38 -17.46 -10.83
N GLY B 112 3.37 -16.59 -10.73
CA GLY B 112 2.01 -17.08 -10.63
C GLY B 112 1.53 -17.75 -11.91
N HIS B 113 1.83 -17.13 -13.06
CA HIS B 113 1.49 -17.73 -14.34
C HIS B 113 2.23 -19.06 -14.53
N ILE B 114 3.48 -19.13 -14.09
CA ILE B 114 4.24 -20.38 -14.21
C ILE B 114 3.60 -21.47 -13.37
N LEU B 115 3.29 -21.17 -12.12
CA LEU B 115 2.69 -22.16 -11.23
C LEU B 115 1.30 -22.55 -11.70
N ALA B 116 0.50 -21.59 -12.16
CA ALA B 116 -0.84 -21.90 -12.64
C ALA B 116 -0.80 -22.78 -13.88
N ALA B 117 0.17 -22.55 -14.76
CA ALA B 117 0.27 -23.36 -15.97
C ALA B 117 0.56 -24.82 -15.63
N MET B 118 1.35 -25.07 -14.59
CA MET B 118 1.65 -26.44 -14.18
C MET B 118 0.44 -27.13 -13.55
N LEU B 119 -0.52 -26.37 -13.04
CA LEU B 119 -1.72 -26.92 -12.42
C LEU B 119 -2.96 -26.79 -13.31
N ALA B 120 -2.77 -26.40 -14.57
CA ALA B 120 -3.90 -26.12 -15.45
C ALA B 120 -4.73 -27.38 -15.72
N SER B 121 -4.07 -28.54 -15.82
CA SER B 121 -4.81 -29.78 -16.08
C SER B 121 -5.73 -30.14 -14.91
N GLU B 122 -5.51 -29.56 -13.74
CA GLU B 122 -6.40 -29.78 -12.60
C GLU B 122 -7.47 -28.70 -12.47
N GLY B 123 -7.60 -27.84 -13.48
CA GLY B 123 -8.61 -26.79 -13.47
C GLY B 123 -8.19 -25.49 -12.80
N VAL B 124 -6.90 -25.30 -12.55
CA VAL B 124 -6.39 -24.11 -11.87
C VAL B 124 -5.90 -23.11 -12.91
N SER B 125 -6.17 -21.84 -12.68
CA SER B 125 -5.68 -20.76 -13.53
C SER B 125 -5.21 -19.61 -12.67
N TYR B 126 -4.44 -18.72 -13.29
CA TYR B 126 -4.03 -17.50 -12.65
C TYR B 126 -5.15 -16.47 -12.73
N VAL B 127 -5.39 -15.78 -11.62
CA VAL B 127 -6.43 -14.76 -11.56
C VAL B 127 -5.80 -13.41 -11.19
N GLU B 128 -6.40 -12.35 -11.70
CA GLU B 128 -5.89 -11.00 -11.57
C GLU B 128 -6.31 -10.38 -10.23
N HIS B 129 -5.60 -9.33 -9.84
CA HIS B 129 -5.89 -8.66 -8.56
C HIS B 129 -7.31 -8.10 -8.48
N PRO B 130 -7.86 -7.43 -9.50
CA PRO B 130 -9.28 -7.05 -9.40
C PRO B 130 -10.20 -8.24 -9.24
N THR B 131 -9.84 -9.37 -9.86
CA THR B 131 -10.64 -10.58 -9.71
C THR B 131 -10.54 -11.14 -8.29
N VAL B 132 -9.33 -11.14 -7.73
CA VAL B 132 -9.15 -11.63 -6.36
C VAL B 132 -9.92 -10.76 -5.37
N ALA B 133 -10.01 -9.45 -5.63
CA ALA B 133 -10.68 -8.55 -4.70
C ALA B 133 -12.20 -8.67 -4.75
N ASP B 134 -12.78 -8.99 -5.91
CA ASP B 134 -14.23 -8.92 -6.08
C ASP B 134 -14.90 -10.23 -6.44
N GLN B 135 -14.21 -11.15 -7.13
CA GLN B 135 -14.84 -12.35 -7.66
C GLN B 135 -14.16 -13.64 -7.19
N LEU B 136 -13.48 -13.62 -6.04
CA LEU B 136 -12.82 -14.84 -5.57
C LEU B 136 -13.82 -15.92 -5.17
N ALA B 137 -14.97 -15.52 -4.63
CA ALA B 137 -15.94 -16.51 -4.17
C ALA B 137 -16.48 -17.36 -5.32
N ILE B 138 -16.77 -16.73 -6.46
CA ILE B 138 -17.26 -17.49 -7.61
C ILE B 138 -16.20 -18.42 -8.16
N HIS B 139 -14.95 -17.94 -8.22
CA HIS B 139 -13.88 -18.75 -8.79
C HIS B 139 -13.59 -19.98 -7.95
N LEU B 140 -13.56 -19.82 -6.63
CA LEU B 140 -13.40 -20.98 -5.76
C LEU B 140 -14.66 -21.84 -5.71
N SER B 141 -15.77 -21.37 -6.26
CA SER B 141 -16.94 -22.23 -6.44
C SER B 141 -16.83 -23.05 -7.71
N ALA B 142 -16.08 -22.55 -8.71
CA ALA B 142 -15.88 -23.24 -9.97
C ALA B 142 -14.74 -24.24 -9.94
N THR B 143 -13.69 -23.96 -9.17
CA THR B 143 -12.52 -24.84 -9.13
C THR B 143 -11.97 -24.87 -7.71
N ARG B 144 -11.11 -25.85 -7.46
CA ARG B 144 -10.60 -26.08 -6.11
CA ARG B 144 -10.61 -26.08 -6.11
C ARG B 144 -9.55 -25.06 -5.70
N ALA B 145 -8.82 -24.49 -6.66
CA ALA B 145 -7.77 -23.55 -6.30
C ALA B 145 -7.50 -22.57 -7.45
N VAL B 146 -7.09 -21.37 -7.09
CA VAL B 146 -6.65 -20.36 -8.04
C VAL B 146 -5.29 -19.82 -7.59
N VAL B 147 -4.53 -19.29 -8.55
CA VAL B 147 -3.21 -18.73 -8.28
C VAL B 147 -3.27 -17.22 -8.52
N GLY B 148 -2.64 -16.46 -7.62
CA GLY B 148 -2.58 -15.02 -7.74
C GLY B 148 -1.21 -14.49 -7.30
N SER B 149 -1.03 -13.19 -7.48
CA SER B 149 0.19 -12.53 -7.04
C SER B 149 0.09 -12.17 -5.56
N ALA B 150 1.18 -12.40 -4.83
CA ALA B 150 1.21 -12.09 -3.40
C ALA B 150 1.47 -10.62 -3.13
N PHE B 151 2.10 -9.91 -4.07
CA PHE B 151 2.33 -8.49 -3.89
C PHE B 151 1.00 -7.74 -3.86
N PRO B 152 0.86 -6.76 -2.97
CA PRO B 152 -0.36 -5.95 -2.95
C PRO B 152 -0.32 -4.87 -4.02
N PRO B 153 -1.48 -4.42 -4.52
CA PRO B 153 -1.55 -3.35 -5.52
C PRO B 153 -1.33 -1.95 -4.93
N TYR B 154 -0.24 -1.76 -4.20
CA TYR B 154 0.15 -0.46 -3.61
C TYR B 154 0.69 0.46 -4.71
N HIS B 155 1.39 -0.14 -5.67
CA HIS B 155 1.91 0.54 -6.87
C HIS B 155 2.59 1.88 -6.56
N HIS B 156 2.15 2.91 -7.25
CA HIS B 156 2.75 4.24 -7.05
C HIS B 156 2.28 4.79 -5.71
N HIS B 157 1.40 4.09 -4.99
CA HIS B 157 1.06 4.68 -3.70
C HIS B 157 1.78 3.99 -2.54
N GLU B 158 2.95 3.41 -2.80
CA GLU B 158 3.74 2.77 -1.75
C GLU B 158 4.24 3.82 -0.75
N PHE B 159 4.42 3.39 0.49
CA PHE B 159 4.84 4.29 1.55
C PHE B 159 6.29 4.75 1.31
N PRO B 160 6.61 5.98 1.68
CA PRO B 160 7.99 6.45 1.62
C PRO B 160 8.77 5.99 2.84
N GLY B 161 10.05 6.34 2.87
CA GLY B 161 10.90 5.98 3.99
C GLY B 161 12.09 5.15 3.58
N SER B 162 11.85 4.10 2.79
CA SER B 162 12.90 3.23 2.30
C SER B 162 12.89 3.22 0.78
N ARG B 163 14.08 3.08 0.20
CA ARG B 163 14.18 2.91 -1.25
C ARG B 163 13.79 1.51 -1.70
N ILE B 164 13.63 0.57 -0.77
CA ILE B 164 13.14 -0.77 -1.07
C ILE B 164 11.67 -0.84 -0.68
N PRO B 165 10.78 -1.29 -1.57
CA PRO B 165 9.35 -1.35 -1.23
C PRO B 165 9.10 -2.24 -0.02
N PRO B 166 8.41 -1.71 1.00
CA PRO B 166 8.19 -2.49 2.22
C PRO B 166 7.05 -3.50 2.11
N HIS B 167 5.94 -3.12 1.45
CA HIS B 167 4.77 -3.98 1.36
C HIS B 167 4.96 -4.97 0.21
N ARG B 168 5.59 -6.10 0.52
CA ARG B 168 5.93 -7.08 -0.52
C ARG B 168 5.04 -8.32 -0.43
N ALA B 169 5.59 -9.48 -0.79
CA ALA B 169 4.77 -10.66 -0.99
C ALA B 169 4.19 -11.18 0.33
N ASP B 170 5.00 -11.23 1.38
CA ASP B 170 4.49 -11.71 2.67
C ASP B 170 3.44 -10.78 3.22
N THR B 171 3.69 -9.46 3.13
CA THR B 171 2.73 -8.49 3.66
C THR B 171 1.40 -8.56 2.91
N GLY B 172 1.46 -8.63 1.58
CA GLY B 172 0.23 -8.69 0.80
C GLY B 172 -0.56 -9.96 1.04
N ALA B 173 0.14 -11.09 1.20
CA ALA B 173 -0.55 -12.35 1.42
C ALA B 173 -1.29 -12.34 2.76
N PHE B 174 -0.68 -11.76 3.79
CA PHE B 174 -1.34 -11.71 5.10
C PHE B 174 -2.49 -10.72 5.11
N LEU B 175 -2.28 -9.53 4.54
CA LEU B 175 -3.35 -8.55 4.44
C LEU B 175 -4.59 -9.15 3.79
N LEU B 176 -4.39 -9.93 2.72
CA LEU B 176 -5.51 -10.55 2.03
C LEU B 176 -6.15 -11.63 2.88
N ALA B 177 -5.34 -12.47 3.51
CA ALA B 177 -5.88 -13.56 4.31
C ALA B 177 -6.62 -13.05 5.54
N ASP B 178 -6.11 -12.00 6.17
CA ASP B 178 -6.77 -11.47 7.35
C ASP B 178 -8.04 -10.70 6.99
N ALA B 179 -8.02 -9.97 5.88
CA ALA B 179 -9.23 -9.29 5.41
C ALA B 179 -10.32 -10.30 5.06
N PHE B 180 -9.93 -11.42 4.45
CA PHE B 180 -10.90 -12.46 4.13
C PHE B 180 -11.35 -13.23 5.37
N GLY B 181 -10.62 -13.11 6.47
CA GLY B 181 -10.88 -13.99 7.62
C GLY B 181 -10.64 -15.45 7.29
N ALA B 182 -9.59 -15.73 6.52
CA ALA B 182 -9.30 -17.09 6.09
C ALA B 182 -8.95 -17.98 7.27
N ALA B 183 -9.07 -19.29 7.05
CA ALA B 183 -8.76 -20.28 8.08
C ALA B 183 -7.29 -20.25 8.47
N GLY B 184 -6.40 -19.79 7.59
CA GLY B 184 -5.00 -19.72 7.94
C GLY B 184 -4.18 -19.23 6.78
N LEU B 185 -2.93 -18.89 7.08
CA LEU B 185 -1.95 -18.50 6.07
C LEU B 185 -0.65 -19.25 6.34
N THR B 186 -0.16 -19.96 5.33
CA THR B 186 1.08 -20.71 5.43
C THR B 186 2.08 -20.15 4.45
N ILE B 187 3.29 -19.86 4.93
CA ILE B 187 4.35 -19.27 4.12
C ILE B 187 5.36 -20.35 3.78
N VAL B 188 5.56 -20.59 2.48
CA VAL B 188 6.39 -21.67 1.97
C VAL B 188 7.73 -21.07 1.54
N GLU B 189 8.79 -21.44 2.24
CA GLU B 189 10.12 -20.86 2.07
C GLU B 189 11.12 -21.92 1.61
N ASN B 190 12.35 -21.49 1.35
CA ASN B 190 13.45 -22.38 1.00
C ASN B 190 14.31 -22.72 2.22
N VAL B 191 13.81 -22.44 3.43
CA VAL B 191 14.48 -22.79 4.67
C VAL B 191 13.43 -23.33 5.63
N ASP B 192 13.92 -24.00 6.69
CA ASP B 192 13.02 -24.65 7.64
C ASP B 192 12.16 -23.65 8.40
N GLY B 193 12.65 -22.42 8.56
CA GLY B 193 11.89 -21.41 9.27
C GLY B 193 12.73 -20.18 9.55
N ILE B 194 12.45 -19.54 10.69
CA ILE B 194 13.16 -18.36 11.12
C ILE B 194 14.27 -18.77 12.10
N TYR B 195 15.48 -18.29 11.85
CA TYR B 195 16.62 -18.54 12.72
C TYR B 195 17.02 -17.25 13.42
N THR B 196 17.89 -17.38 14.44
CA THR B 196 18.45 -16.21 15.10
C THR B 196 19.43 -15.46 14.22
N ALA B 197 19.86 -16.06 13.10
CA ALA B 197 20.71 -15.38 12.12
C ALA B 197 20.45 -16.02 10.77
N ASP B 198 21.00 -15.41 9.73
CA ASP B 198 20.82 -15.93 8.37
C ASP B 198 21.46 -17.31 8.28
N PRO B 199 20.68 -18.38 8.04
CA PRO B 199 21.28 -19.71 7.94
C PRO B 199 22.03 -19.96 6.64
N ASN B 200 22.13 -18.96 5.76
CA ASN B 200 22.89 -19.07 4.54
C ASN B 200 23.93 -17.96 4.37
N GLY B 201 24.02 -17.04 5.32
CA GLY B 201 24.92 -15.92 5.21
C GLY B 201 26.23 -16.13 5.94
N PRO B 202 26.98 -15.05 6.17
CA PRO B 202 28.27 -15.19 6.84
C PRO B 202 28.16 -15.62 8.30
N ASP B 203 27.06 -15.28 8.97
CA ASP B 203 26.82 -15.67 10.35
C ASP B 203 26.07 -16.99 10.46
N ARG B 204 26.45 -17.99 9.65
CA ARG B 204 25.69 -19.22 9.58
C ARG B 204 25.88 -20.10 10.81
N GLY B 205 27.08 -20.08 11.40
CA GLY B 205 27.38 -20.99 12.50
C GLY B 205 26.61 -20.68 13.77
N GLN B 206 26.24 -19.42 13.98
CA GLN B 206 25.58 -18.99 15.20
C GLN B 206 24.07 -18.88 15.03
N ALA B 207 23.50 -19.54 14.03
CA ALA B 207 22.08 -19.45 13.75
C ALA B 207 21.33 -20.54 14.51
N ARG B 208 20.47 -20.13 15.43
CA ARG B 208 19.64 -21.05 16.20
C ARG B 208 18.22 -21.02 15.66
N PHE B 209 17.65 -22.21 15.45
CA PHE B 209 16.30 -22.30 14.89
C PHE B 209 15.26 -21.92 15.93
N LEU B 210 14.27 -21.14 15.50
CA LEU B 210 13.19 -20.68 16.37
C LEU B 210 11.94 -21.50 16.07
N PRO B 211 11.56 -22.46 16.91
CA PRO B 211 10.33 -23.22 16.64
C PRO B 211 9.07 -22.37 16.75
N GLU B 212 9.04 -21.38 17.64
CA GLU B 212 7.88 -20.52 17.80
C GLU B 212 8.32 -19.15 18.27
N THR B 213 7.67 -18.12 17.73
CA THR B 213 7.96 -16.74 18.11
C THR B 213 6.68 -15.93 17.92
N SER B 214 6.79 -14.62 18.16
CA SER B 214 5.68 -13.71 17.99
C SER B 214 6.10 -12.54 17.11
N ALA B 215 5.11 -11.85 16.55
CA ALA B 215 5.39 -10.70 15.70
C ALA B 215 6.08 -9.59 16.48
N THR B 216 5.70 -9.39 17.74
CA THR B 216 6.32 -8.35 18.55
C THR B 216 7.73 -8.73 18.98
N ASP B 217 8.00 -10.02 19.16
CA ASP B 217 9.36 -10.46 19.47
C ASP B 217 10.29 -10.23 18.28
N LEU B 218 9.84 -10.58 17.08
CA LEU B 218 10.67 -10.38 15.90
C LEU B 218 10.84 -8.90 15.59
N ALA B 219 9.81 -8.10 15.85
CA ALA B 219 9.87 -6.68 15.52
C ALA B 219 10.92 -5.96 16.35
N LYS B 220 11.24 -6.47 17.54
CA LYS B 220 12.24 -5.87 18.40
C LYS B 220 13.64 -6.42 18.15
N SER B 221 13.80 -7.27 17.13
CA SER B 221 15.13 -7.73 16.73
C SER B 221 15.67 -6.84 15.62
N GLU B 222 16.95 -7.01 15.32
CA GLU B 222 17.67 -6.15 14.39
C GLU B 222 18.04 -6.82 13.08
N GLY B 223 18.50 -8.06 13.12
CA GLY B 223 19.04 -8.71 11.95
C GLY B 223 18.00 -9.02 10.87
N PRO B 224 18.44 -9.70 9.82
CA PRO B 224 17.52 -10.03 8.73
C PRO B 224 16.53 -11.11 9.13
N LEU B 225 15.49 -11.24 8.31
CA LEU B 225 14.43 -12.21 8.51
C LEU B 225 14.04 -12.79 7.15
N PRO B 226 13.47 -14.00 7.12
CA PRO B 226 12.96 -14.54 5.85
C PRO B 226 11.62 -13.97 5.44
N VAL B 227 11.04 -13.06 6.22
CA VAL B 227 9.75 -12.45 5.93
C VAL B 227 9.89 -10.94 6.00
N ASP B 228 8.98 -10.25 5.31
CA ASP B 228 8.97 -8.79 5.35
C ASP B 228 8.80 -8.31 6.78
N ARG B 229 9.51 -7.22 7.12
CA ARG B 229 9.28 -6.59 8.41
C ARG B 229 7.96 -5.86 8.45
N ALA B 230 7.41 -5.46 7.30
CA ALA B 230 6.06 -4.92 7.27
C ALA B 230 5.01 -5.97 7.63
N LEU B 231 5.33 -7.26 7.44
CA LEU B 231 4.43 -8.31 7.85
C LEU B 231 4.20 -8.28 9.37
N LEU B 232 5.25 -7.99 10.14
CA LEU B 232 5.12 -7.88 11.58
C LEU B 232 4.21 -6.73 11.98
N ASP B 233 4.21 -5.64 11.21
CA ASP B 233 3.39 -4.50 11.56
C ASP B 233 1.91 -4.76 11.29
N VAL B 234 1.60 -5.41 10.17
CA VAL B 234 0.21 -5.74 9.89
C VAL B 234 -0.28 -6.88 10.78
N MET B 235 0.64 -7.72 11.27
CA MET B 235 0.26 -8.77 12.21
C MET B 235 -0.18 -8.18 13.55
N ALA B 236 0.40 -7.04 13.95
CA ALA B 236 0.04 -6.42 15.21
C ALA B 236 -1.41 -5.93 15.21
N THR B 237 -1.92 -5.51 14.05
CA THR B 237 -3.29 -5.04 13.93
C THR B 237 -4.20 -6.08 13.30
N ALA B 238 -3.82 -7.35 13.34
CA ALA B 238 -4.60 -8.41 12.71
C ALA B 238 -5.93 -8.59 13.43
N ARG B 239 -6.93 -9.05 12.67
CA ARG B 239 -8.29 -9.21 13.18
C ARG B 239 -8.72 -10.66 13.35
N HIS B 240 -8.13 -11.59 12.61
CA HIS B 240 -8.58 -12.98 12.63
C HIS B 240 -7.43 -13.96 12.74
N ILE B 241 -6.42 -13.83 11.88
CA ILE B 241 -5.34 -14.81 11.81
C ILE B 241 -4.56 -14.78 13.12
N GLU B 242 -4.54 -15.90 13.83
CA GLU B 242 -3.86 -15.99 15.11
C GLU B 242 -2.40 -16.43 14.98
N ARG B 243 -2.10 -17.34 14.06
CA ARG B 243 -0.73 -17.77 13.85
C ARG B 243 -0.50 -18.05 12.37
N VAL B 244 0.75 -17.82 11.95
CA VAL B 244 1.22 -18.05 10.59
C VAL B 244 2.48 -18.91 10.68
N GLN B 245 2.51 -20.02 9.94
CA GLN B 245 3.63 -20.94 10.00
C GLN B 245 4.51 -20.79 8.77
N VAL B 246 5.82 -20.76 8.99
CA VAL B 246 6.82 -20.67 7.93
C VAL B 246 7.47 -22.04 7.80
N VAL B 247 7.25 -22.71 6.66
CA VAL B 247 7.71 -24.07 6.45
C VAL B 247 8.61 -24.14 5.21
N ASN B 248 9.35 -25.22 5.11
CA ASN B 248 10.33 -25.43 4.03
C ASN B 248 9.64 -26.18 2.89
N GLY B 249 9.38 -25.47 1.79
CA GLY B 249 8.77 -26.09 0.63
C GLY B 249 9.68 -27.01 -0.15
N LEU B 250 10.97 -27.05 0.18
CA LEU B 250 11.90 -27.97 -0.45
C LEU B 250 11.84 -29.36 0.17
N VAL B 251 11.10 -29.54 1.25
CA VAL B 251 10.89 -30.84 1.89
C VAL B 251 9.44 -31.25 1.61
N PRO B 252 9.21 -32.22 0.73
CA PRO B 252 7.83 -32.62 0.42
C PRO B 252 7.12 -33.15 1.66
N GLY B 253 5.86 -32.74 1.82
CA GLY B 253 5.02 -33.16 2.91
C GLY B 253 4.81 -32.12 3.99
N ARG B 254 5.75 -31.18 4.15
CA ARG B 254 5.63 -30.19 5.22
C ARG B 254 4.49 -29.22 4.95
N LEU B 255 4.26 -28.86 3.69
CA LEU B 255 3.11 -28.03 3.37
C LEU B 255 1.81 -28.76 3.68
N THR B 256 1.75 -30.05 3.39
CA THR B 256 0.58 -30.85 3.73
C THR B 256 0.36 -30.87 5.24
N ALA B 257 1.43 -31.10 6.00
CA ALA B 257 1.31 -31.12 7.46
C ALA B 257 0.95 -29.75 8.01
N ALA B 258 1.50 -28.68 7.42
CA ALA B 258 1.22 -27.33 7.91
C ALA B 258 -0.25 -26.96 7.70
N LEU B 259 -0.83 -27.35 6.58
CA LEU B 259 -2.25 -27.09 6.34
C LEU B 259 -3.16 -27.90 7.24
N ARG B 260 -2.60 -28.82 8.03
CA ARG B 260 -3.36 -29.56 9.04
C ARG B 260 -3.01 -29.12 10.45
N GLY B 261 -2.31 -28.00 10.61
CA GLY B 261 -1.95 -27.49 11.92
C GLY B 261 -0.80 -28.21 12.60
N GLU B 262 -0.09 -29.09 11.90
CA GLU B 262 1.06 -29.75 12.48
C GLU B 262 2.26 -28.81 12.53
N HIS B 263 3.05 -28.92 13.60
CA HIS B 263 4.18 -28.02 13.82
C HIS B 263 5.40 -28.61 13.13
N VAL B 264 5.73 -28.06 11.96
CA VAL B 264 6.86 -28.57 11.17
C VAL B 264 7.73 -27.40 10.71
N GLY B 265 7.51 -26.24 11.27
CA GLY B 265 8.31 -25.06 10.94
C GLY B 265 8.29 -24.08 12.07
N THR B 266 8.35 -22.80 11.72
CA THR B 266 8.31 -21.70 12.68
C THR B 266 6.89 -21.16 12.75
N LEU B 267 6.31 -21.19 13.94
CA LEU B 267 4.99 -20.60 14.18
C LEU B 267 5.16 -19.15 14.65
N ILE B 268 4.44 -18.24 14.01
CA ILE B 268 4.50 -16.82 14.33
C ILE B 268 3.15 -16.42 14.93
N ARG B 269 3.16 -16.06 16.21
CA ARG B 269 1.93 -15.60 16.87
C ARG B 269 1.70 -14.14 16.51
N THR B 270 0.47 -13.82 16.11
CA THR B 270 0.13 -12.48 15.65
C THR B 270 -0.35 -11.56 16.76
N GLY B 271 -0.90 -12.13 17.84
CA GLY B 271 -1.46 -11.35 18.92
C GLY B 271 -2.97 -11.30 18.96
N VAL B 272 -3.64 -12.06 18.12
CA VAL B 272 -5.11 -12.13 18.13
C VAL B 272 -5.54 -13.18 19.14
N ARG B 273 -6.51 -12.83 19.98
CA ARG B 273 -6.99 -13.75 21.01
C ARG B 273 -8.30 -14.40 20.60
N PRO B 274 -8.48 -15.69 20.87
CA PRO B 274 -9.70 -16.38 20.45
C PRO B 274 -10.64 -16.74 21.59
N ALA B 275 -11.64 -15.89 21.84
CA ALA B 275 -12.72 -16.17 22.79
C ALA B 275 -12.25 -16.36 24.23
PG ATP C . -12.88 14.01 2.34
O1G ATP C . -12.59 14.63 0.99
O2G ATP C . -14.31 14.14 2.79
O3G ATP C . -12.29 12.63 2.52
PB ATP C . -12.13 16.54 3.22
O1B ATP C . -11.02 16.99 2.31
O2B ATP C . -13.56 16.93 2.92
O3B ATP C . -12.06 14.95 3.36
PA ATP C . -12.98 17.18 5.77
O1A ATP C . -13.61 18.54 5.63
O2A ATP C . -13.83 15.94 5.63
O3A ATP C . -11.79 17.06 4.71
O5' ATP C . -12.24 17.13 7.21
C5' ATP C . -11.54 18.26 7.70
C4' ATP C . -12.33 18.76 8.92
O4' ATP C . -11.61 18.58 10.14
C3' ATP C . -12.66 20.24 8.83
O3' ATP C . -13.99 20.43 8.34
C2' ATP C . -12.53 20.75 10.25
O2' ATP C . -13.80 21.20 10.73
C1' ATP C . -12.07 19.55 11.07
N9 ATP C . -11.02 19.88 12.08
C8 ATP C . -10.76 19.11 13.15
N7 ATP C . -9.76 19.63 13.92
C5 ATP C . -9.36 20.77 13.33
C6 ATP C . -8.34 21.80 13.63
N6 ATP C . -7.55 21.71 14.72
N1 ATP C . -8.23 22.84 12.77
C2 ATP C . -9.01 22.95 11.69
N3 ATP C . -9.96 22.05 11.36
C4 ATP C . -10.19 20.95 12.12
P PO4 D . -9.40 28.67 -21.91
O1 PO4 D . -9.34 29.48 -23.18
O2 PO4 D . -8.17 28.94 -21.07
O3 PO4 D . -10.64 29.03 -21.12
O4 PO4 D . -9.44 27.20 -22.26
P PO4 E . 8.86 27.59 3.12
O1 PO4 E . 9.18 29.04 3.34
O2 PO4 E . 9.96 26.94 2.33
O3 PO4 E . 7.56 27.47 2.37
O4 PO4 E . 8.74 26.89 4.45
O11 FUQ F . 3.95 -0.41 -12.73
O12 FUQ F . 5.02 -0.53 -15.25
O13 FUQ F . 5.06 1.91 -13.46
O14 FUQ F . 2.58 -0.96 -14.66
O15 FUQ F . 3.00 1.45 -15.50
O21 FUQ F . -0.72 0.75 -10.98
O22 FUQ F . 1.55 -0.55 -11.39
O23 FUQ F . 1.73 1.97 -10.99
O24 FUQ F . 0.10 -0.45 -13.24
O25 FUQ F . 2.14 1.17 -13.29
O31 FUQ F . -2.94 3.51 -13.51
O32 FUQ F . -1.75 3.09 -11.97
O33 FUQ F . -2.65 1.14 -13.63
O34 FUQ F . 0.24 3.85 -13.35
O35 FUQ F . -0.11 1.61 -13.22
O41 FUQ F . 4.67 1.13 -17.73
O42 FUQ F . 2.47 1.62 -19.04
O43 FUQ F . 2.55 -0.26 -17.49
O44 FUQ F . 3.27 3.46 -17.40
O45 FUQ F . 1.11 1.82 -17.07
O51 FUQ F . 0.42 3.34 -18.98
O52 FUQ F . -1.65 4.08 -17.44
O53 FUQ F . -1.32 1.32 -17.93
O54 FUQ F . 0.71 4.15 -16.44
O55 FUQ F . -0.65 2.32 -15.50
MO1 FUQ F . 3.62 0.52 -14.10
MO2 FUQ F . 0.86 0.85 -12.06
MO3 FUQ F . -1.46 2.52 -13.65
MO4 FUQ F . 2.88 1.60 -17.29
MO5 FUQ F . -0.34 2.83 -17.32
PG ATP G . 9.68 -13.43 -1.99
O1G ATP G . 9.88 -12.55 -3.21
O2G ATP G . 8.54 -14.43 -2.09
O3G ATP G . 9.71 -12.67 -0.69
PB ATP G . 11.35 -15.39 -0.80
O1B ATP G . 10.50 -15.06 0.41
O2B ATP G . 11.27 -16.78 -1.40
O3B ATP G . 11.01 -14.35 -1.98
PA ATP G . 13.48 -14.27 0.73
O1A ATP G . 13.92 -12.91 0.24
O2A ATP G . 12.56 -14.34 1.92
O3A ATP G . 12.90 -15.06 -0.54
O5' ATP G . 14.82 -15.08 1.11
C5' ATP G . 14.81 -16.19 2.00
C4' ATP G . 16.23 -16.27 2.54
O4' ATP G . 16.44 -15.29 3.56
C3' ATP G . 16.59 -17.60 3.18
O3' ATP G . 17.11 -18.51 2.21
C2' ATP G . 17.64 -17.23 4.21
O2' ATP G . 18.93 -17.55 3.71
C1' ATP G . 17.54 -15.72 4.37
N9 ATP G . 17.40 -15.28 5.79
C8 ATP G . 17.83 -14.09 6.24
N7 ATP G . 17.60 -13.94 7.57
C5 ATP G . 17.01 -15.07 8.00
C6 ATP G . 16.52 -15.58 9.30
N6 ATP G . 16.59 -14.82 10.42
N1 ATP G . 15.97 -16.81 9.33
C2 ATP G . 15.88 -17.57 8.23
N3 ATP G . 16.31 -17.17 7.02
C4 ATP G . 16.89 -15.96 6.83
MG MG H . 10.63 -14.89 2.45
O1 GUH I . 0.40 -11.59 -12.99
O11 GUH I . -2.60 -6.42 -12.11
O12 GUH I . -3.42 -9.42 -10.79
O13 GUH I . 2.41 -10.27 -14.03
O16 GUH I . -4.59 -4.76 -12.97
O18 GUH I . -4.88 -7.40 -12.64
O19 GUH I . -3.42 -3.94 -10.75
O2 GUH I . 0.83 -8.32 -14.83
O24 GUH I . 2.27 -8.96 -10.67
O25 GUH I . -0.78 -6.83 -11.44
O26 GUH I . -2.14 -8.01 -13.89
O27 GUH I . -2.38 -10.60 -16.74
O28 GUH I . -0.77 -4.01 -12.21
O3 GUH I . -0.20 -10.47 -15.39
O32 GUH I . -3.53 -8.97 -16.57
O33 GUH I . -3.20 -10.15 -14.34
O34 GUH I . -4.51 -6.51 -15.38
O35 GUH I . -2.41 -5.01 -14.10
O36 GUH I . -2.56 -5.93 -9.54
O4 GUH I . -1.22 -9.90 -13.46
O5 GUH I . 0.10 -8.58 -12.35
O6 GUH I . 2.14 -6.45 -11.96
O7 GUH I . -0.27 -8.62 -9.75
O71 GUH I . -0.72 -4.22 -10.14
O8 GUH I . 1.08 -6.72 -9.26
O9 GUH I . -1.17 -8.08 -16.64
MO1 GUH I . 0.68 -9.89 -13.64
MO2 GUH I . 0.91 -7.72 -11.09
MO3 GUH I . -1.99 -9.32 -15.31
MO4 GUH I . -2.19 -8.64 -11.66
MO6 GUH I . -3.70 -6.43 -13.56
MO7 GUH I . -1.87 -5.19 -11.02
MO MOO J . -12.49 -15.19 -14.43
O1 MOO J . -10.94 -14.47 -14.56
O2 MOO J . -13.38 -13.45 -13.85
O3 MOO J . -12.22 -16.90 -14.30
O4 MOO J . -14.80 -15.66 -14.62
P PO4 K . -1.31 3.97 -8.88
O1 PO4 K . -1.38 5.41 -9.36
O2 PO4 K . -0.22 3.25 -9.63
O3 PO4 K . -1.03 3.94 -7.40
O4 PO4 K . -2.63 3.30 -9.15
P PO4 L . 4.41 -0.14 7.53
O1 PO4 L . 4.30 1.31 7.79
O2 PO4 L . 3.06 -0.66 7.20
O3 PO4 L . 4.88 -0.86 8.70
O4 PO4 L . 5.54 -0.20 6.59
#